data_5UBE
#
_entry.id   5UBE
#
_cell.length_a   45.803
_cell.length_b   52.127
_cell.length_c   63.414
_cell.angle_alpha   90.00
_cell.angle_beta   101.61
_cell.angle_gamma   90.00
#
_symmetry.space_group_name_H-M   'P 1 21 1'
#
loop_
_entity.id
_entity.type
_entity.pdbx_description
1 polymer 'RctB replication initiator protein'
2 water water
#
_entity_poly.entity_id   1
_entity_poly.type   'polypeptide(L)'
_entity_poly.pdbx_seq_one_letter_code
;MSSEEKRLIKLPRTHKDGHLFEVSEAAIDWIEQYQHFKGVTKSIVELLNLISLRGLRSRDGLVSTTELIDATDGQLTRAA
IQQRLRAAVAVGLFKQIPVRFEEGLAGKTMLHRFINPNQLISVLHHHHHH
;
_entity_poly.pdbx_strand_id   A,B
#
# COMPACT_ATOMS: atom_id res chain seq x y z
N ARG A 7 -18.33 -2.94 -1.45
CA ARG A 7 -17.66 -4.19 -1.80
C ARG A 7 -16.71 -3.97 -2.96
N LEU A 8 -17.10 -3.07 -3.87
CA LEU A 8 -16.42 -2.91 -5.15
C LEU A 8 -16.11 -1.42 -5.36
N ILE A 9 -14.82 -1.09 -5.37
CA ILE A 9 -14.39 0.30 -5.44
C ILE A 9 -14.44 0.77 -6.89
N LYS A 10 -15.30 1.74 -7.17
CA LYS A 10 -15.54 2.19 -8.52
C LYS A 10 -14.64 3.36 -8.89
N LEU A 11 -14.47 3.55 -10.20
CA LEU A 11 -13.71 4.65 -10.75
C LEU A 11 -14.31 5.98 -10.28
N PRO A 12 -13.52 7.06 -10.26
CA PRO A 12 -12.13 7.21 -10.72
C PRO A 12 -11.05 6.68 -9.75
N ARG A 13 -11.45 6.13 -8.61
CA ARG A 13 -10.48 5.58 -7.66
C ARG A 13 -9.67 4.46 -8.32
N THR A 14 -8.37 4.43 -7.99
CA THR A 14 -7.44 3.39 -8.43
C THR A 14 -6.47 3.08 -7.29
N HIS A 15 -5.48 2.24 -7.58
CA HIS A 15 -4.48 1.89 -6.56
C HIS A 15 -3.71 3.12 -6.10
N LYS A 16 -3.49 4.07 -7.02
CA LYS A 16 -2.81 5.33 -6.71
C LYS A 16 -3.47 6.08 -5.56
N ASP A 17 -4.77 5.84 -5.30
CA ASP A 17 -5.40 6.54 -4.18
C ASP A 17 -4.85 6.09 -2.84
N GLY A 18 -4.31 4.86 -2.77
CA GLY A 18 -3.81 4.33 -1.52
C GLY A 18 -4.93 3.71 -0.69
N HIS A 19 -4.67 3.64 0.61
CA HIS A 19 -5.66 3.10 1.51
C HIS A 19 -6.87 4.01 1.58
N LEU A 20 -8.02 3.43 1.95
CA LEU A 20 -9.32 4.08 1.87
C LEU A 20 -10.02 4.09 3.22
N PHE A 21 -10.75 5.18 3.48
CA PHE A 21 -11.52 5.36 4.71
C PHE A 21 -12.99 5.58 4.37
N GLU A 22 -13.86 4.78 4.97
CA GLU A 22 -15.29 4.95 4.77
C GLU A 22 -15.78 6.16 5.58
N VAL A 23 -16.40 7.12 4.90
CA VAL A 23 -16.94 8.30 5.57
C VAL A 23 -18.14 7.91 6.40
N SER A 24 -18.22 8.43 7.62
CA SER A 24 -19.42 8.25 8.44
C SER A 24 -19.65 9.51 9.25
N GLU A 25 -20.88 10.02 9.23
CA GLU A 25 -21.20 11.16 10.08
C GLU A 25 -21.30 10.79 11.55
N ALA A 26 -21.67 9.54 11.85
CA ALA A 26 -21.66 9.07 13.25
C ALA A 26 -20.26 9.14 13.85
N ALA A 27 -19.23 8.86 13.04
CA ALA A 27 -17.86 8.89 13.53
C ALA A 27 -17.46 10.27 14.02
N ILE A 28 -18.16 11.31 13.59
CA ILE A 28 -17.83 12.65 14.06
C ILE A 28 -18.00 12.75 15.57
N ASP A 29 -19.04 12.11 16.10
CA ASP A 29 -19.17 12.03 17.56
C ASP A 29 -18.23 11.00 18.17
N TRP A 30 -18.04 9.85 17.50
CA TRP A 30 -17.20 8.79 18.03
C TRP A 30 -15.79 9.29 18.31
N ILE A 31 -15.29 10.19 17.46
CA ILE A 31 -13.90 10.62 17.54
C ILE A 31 -13.63 11.32 18.86
N GLU A 32 -14.56 12.17 19.31
CA GLU A 32 -14.44 12.73 20.65
C GLU A 32 -14.55 11.66 21.72
N GLN A 33 -15.32 10.61 21.48
CA GLN A 33 -15.43 9.55 22.47
C GLN A 33 -14.20 8.65 22.51
N TYR A 34 -13.52 8.47 21.37
CA TYR A 34 -12.32 7.63 21.34
C TYR A 34 -11.26 8.12 22.30
N GLN A 35 -11.24 9.43 22.59
CA GLN A 35 -10.19 10.01 23.41
C GLN A 35 -10.27 9.58 24.86
N HIS A 36 -11.35 8.88 25.27
CA HIS A 36 -11.43 8.26 26.58
C HIS A 36 -10.68 6.93 26.65
N PHE A 37 -10.18 6.42 25.53
CA PHE A 37 -9.63 5.07 25.49
C PHE A 37 -8.09 5.07 25.53
N LYS A 38 -7.54 4.05 26.19
CA LYS A 38 -6.10 3.95 26.32
C LYS A 38 -5.45 3.85 24.95
N GLY A 39 -4.31 4.52 24.80
CA GLY A 39 -3.54 4.48 23.58
C GLY A 39 -4.04 5.38 22.48
N VAL A 40 -5.09 6.18 22.71
CA VAL A 40 -5.56 7.14 21.70
C VAL A 40 -4.83 8.45 21.97
N THR A 41 -3.85 8.74 21.13
CA THR A 41 -2.96 9.88 21.26
C THR A 41 -3.45 11.06 20.43
N LYS A 42 -2.85 12.23 20.69
CA LYS A 42 -3.10 13.41 19.88
C LYS A 42 -2.79 13.15 18.40
N SER A 43 -1.73 12.39 18.14
CA SER A 43 -1.32 12.11 16.76
C SER A 43 -2.33 11.22 16.04
N ILE A 44 -3.00 10.31 16.76
CA ILE A 44 -4.08 9.55 16.13
C ILE A 44 -5.29 10.44 15.89
N VAL A 45 -5.66 11.25 16.89
CA VAL A 45 -6.80 12.16 16.73
C VAL A 45 -6.61 13.07 15.53
N GLU A 46 -5.38 13.54 15.32
CA GLU A 46 -5.09 14.37 14.13
C GLU A 46 -5.52 13.68 12.85
N LEU A 47 -5.07 12.45 12.64
CA LEU A 47 -5.52 11.67 11.49
C LEU A 47 -7.05 11.58 11.46
N LEU A 48 -7.68 11.25 12.60
CA LEU A 48 -9.14 11.07 12.62
C LEU A 48 -9.86 12.35 12.23
N ASN A 49 -9.44 13.48 12.81
CA ASN A 49 -10.06 14.76 12.45
C ASN A 49 -9.91 15.05 10.96
N LEU A 50 -8.75 14.69 10.38
CA LEU A 50 -8.51 14.94 8.97
C LEU A 50 -9.48 14.14 8.10
N ILE A 51 -9.58 12.84 8.35
CA ILE A 51 -10.55 12.00 7.65
C ILE A 51 -11.95 12.60 7.75
N SER A 52 -12.38 12.92 8.97
CA SER A 52 -13.71 13.51 9.16
C SER A 52 -13.89 14.76 8.33
N LEU A 53 -12.96 15.72 8.45
CA LEU A 53 -13.12 16.99 7.75
C LEU A 53 -13.07 16.80 6.24
N ARG A 54 -12.15 15.96 5.75
CA ARG A 54 -12.10 15.70 4.31
C ARG A 54 -13.34 14.96 3.83
N GLY A 55 -13.99 14.18 4.70
CA GLY A 55 -15.21 13.47 4.32
C GLY A 55 -16.37 14.39 4.00
N LEU A 56 -16.34 15.61 4.54
CA LEU A 56 -17.34 16.62 4.20
C LEU A 56 -17.49 16.80 2.70
N ARG A 57 -16.40 16.70 1.94
CA ARG A 57 -16.44 16.90 0.50
C ARG A 57 -16.50 15.59 -0.28
N SER A 58 -16.47 14.44 0.38
CA SER A 58 -16.49 13.18 -0.36
C SER A 58 -17.78 13.08 -1.17
N ARG A 59 -17.67 12.52 -2.38
CA ARG A 59 -18.81 12.25 -3.24
C ARG A 59 -19.03 10.77 -3.46
N ASP A 60 -18.24 9.91 -2.81
CA ASP A 60 -18.42 8.48 -2.99
C ASP A 60 -18.39 7.71 -1.68
N GLY A 61 -18.50 8.39 -0.54
CA GLY A 61 -18.45 7.73 0.74
C GLY A 61 -17.07 7.35 1.19
N LEU A 62 -16.03 7.75 0.46
CA LEU A 62 -14.67 7.37 0.79
C LEU A 62 -13.78 8.60 0.87
N VAL A 63 -12.67 8.44 1.59
CA VAL A 63 -11.54 9.36 1.63
C VAL A 63 -10.27 8.53 1.49
N SER A 64 -9.36 8.94 0.63
CA SER A 64 -8.15 8.14 0.43
C SER A 64 -6.99 8.76 1.19
N THR A 65 -5.95 7.95 1.43
CA THR A 65 -4.71 8.52 1.99
C THR A 65 -4.12 9.58 1.06
N THR A 66 -4.31 9.44 -0.25
CA THR A 66 -3.83 10.48 -1.17
C THR A 66 -4.52 11.80 -0.91
N GLU A 67 -5.85 11.77 -0.72
CA GLU A 67 -6.58 12.99 -0.40
C GLU A 67 -6.17 13.53 0.96
N LEU A 68 -5.81 12.65 1.90
CA LEU A 68 -5.36 13.12 3.21
C LEU A 68 -4.06 13.88 3.10
N ILE A 69 -3.10 13.36 2.33
CA ILE A 69 -1.86 14.09 2.07
C ILE A 69 -2.18 15.49 1.54
N ASP A 70 -2.99 15.55 0.49
CA ASP A 70 -3.32 16.84 -0.12
C ASP A 70 -4.03 17.77 0.86
N ALA A 71 -4.81 17.22 1.80
CA ALA A 71 -5.49 18.07 2.77
C ALA A 71 -4.52 18.74 3.75
N THR A 72 -3.35 18.15 3.99
CA THR A 72 -2.33 18.79 4.80
C THR A 72 -1.33 19.60 3.98
N ASP A 73 -1.61 19.82 2.68
CA ASP A 73 -0.67 20.47 1.78
C ASP A 73 0.69 19.78 1.81
N GLY A 74 0.68 18.46 1.94
CA GLY A 74 1.89 17.67 1.95
C GLY A 74 2.64 17.64 3.27
N GLN A 75 2.10 18.26 4.33
CA GLN A 75 2.84 18.27 5.59
C GLN A 75 2.81 16.89 6.27
N LEU A 76 1.71 16.16 6.13
CA LEU A 76 1.67 14.74 6.46
C LEU A 76 1.95 13.96 5.18
N THR A 77 2.92 13.07 5.23
CA THR A 77 3.30 12.25 4.10
C THR A 77 2.50 10.96 4.14
N ARG A 78 2.66 10.13 3.11
CA ARG A 78 2.12 8.78 3.16
C ARG A 78 2.65 8.03 4.37
N ALA A 79 3.93 8.21 4.67
CA ALA A 79 4.52 7.48 5.79
C ALA A 79 3.91 7.91 7.11
N ALA A 80 3.68 9.22 7.30
CA ALA A 80 3.12 9.68 8.57
C ALA A 80 1.66 9.23 8.74
N ILE A 81 0.87 9.30 7.66
CA ILE A 81 -0.48 8.74 7.69
C ILE A 81 -0.44 7.26 8.06
N GLN A 82 0.38 6.48 7.35
CA GLN A 82 0.46 5.05 7.62
C GLN A 82 0.87 4.79 9.07
N GLN A 83 1.77 5.61 9.63
CA GLN A 83 2.18 5.44 11.02
C GLN A 83 0.99 5.61 11.96
N ARG A 84 0.29 6.76 11.84
CA ARG A 84 -0.91 6.96 12.65
C ARG A 84 -1.94 5.88 12.40
N LEU A 85 -2.06 5.43 11.14
CA LEU A 85 -3.06 4.40 10.85
C LEU A 85 -2.72 3.09 11.52
N ARG A 86 -1.44 2.68 11.52
CA ARG A 86 -1.09 1.45 12.21
C ARG A 86 -1.40 1.53 13.70
N ALA A 87 -1.13 2.70 14.32
CA ALA A 87 -1.39 2.85 15.74
C ALA A 87 -2.89 2.81 16.02
N ALA A 88 -3.68 3.44 15.16
CA ALA A 88 -5.14 3.49 15.36
C ALA A 88 -5.76 2.11 15.22
N VAL A 89 -5.24 1.31 14.28
CA VAL A 89 -5.69 -0.08 14.17
C VAL A 89 -5.33 -0.86 15.43
N ALA A 90 -4.12 -0.68 15.95
CA ALA A 90 -3.70 -1.42 17.14
C ALA A 90 -4.59 -1.12 18.34
N VAL A 91 -5.16 0.08 18.41
CA VAL A 91 -6.07 0.38 19.51
C VAL A 91 -7.46 -0.23 19.27
N GLY A 92 -7.83 -0.43 18.02
CA GLY A 92 -9.14 -0.98 17.69
C GLY A 92 -10.12 0.01 17.09
N LEU A 93 -9.63 1.14 16.56
CA LEU A 93 -10.52 2.19 16.05
C LEU A 93 -11.10 1.85 14.68
N PHE A 94 -10.41 1.02 13.89
CA PHE A 94 -10.80 0.73 12.52
C PHE A 94 -10.89 -0.77 12.30
N LYS A 95 -11.95 -1.19 11.62
CA LYS A 95 -11.99 -2.51 10.99
C LYS A 95 -11.33 -2.43 9.63
N GLN A 96 -10.28 -3.22 9.43
CA GLN A 96 -9.61 -3.31 8.14
C GLN A 96 -10.36 -4.29 7.23
N ILE A 97 -10.79 -3.81 6.09
CA ILE A 97 -11.57 -4.58 5.11
C ILE A 97 -10.81 -4.59 3.79
N PRO A 98 -10.27 -5.72 3.34
CA PRO A 98 -9.68 -5.75 2.00
C PRO A 98 -10.79 -5.68 0.95
N VAL A 99 -10.58 -4.83 -0.05
CA VAL A 99 -11.56 -4.59 -1.10
C VAL A 99 -10.87 -4.67 -2.45
N ARG A 100 -11.67 -4.89 -3.49
CA ARG A 100 -11.17 -4.94 -4.86
C ARG A 100 -11.83 -3.85 -5.69
N PHE A 101 -11.25 -3.59 -6.86
CA PHE A 101 -11.86 -2.68 -7.82
C PHE A 101 -12.75 -3.42 -8.80
N GLU A 102 -12.29 -4.59 -9.28
CA GLU A 102 -13.12 -5.57 -9.99
C GLU A 102 -13.90 -4.97 -11.16
N GLU A 103 -13.39 -3.88 -11.73
CA GLU A 103 -13.96 -3.27 -12.92
C GLU A 103 -12.88 -3.25 -14.00
N GLY A 104 -12.45 -4.44 -14.42
CA GLY A 104 -11.33 -4.53 -15.31
C GLY A 104 -10.01 -4.10 -14.70
N LEU A 105 -9.91 -4.15 -13.37
CA LEU A 105 -8.70 -3.75 -12.66
C LEU A 105 -8.44 -4.74 -11.54
N ALA A 106 -7.34 -5.49 -11.65
CA ALA A 106 -6.97 -6.45 -10.64
C ALA A 106 -6.37 -5.74 -9.43
N GLY A 107 -6.05 -6.54 -8.40
CA GLY A 107 -5.41 -6.01 -7.22
C GLY A 107 -6.40 -5.56 -6.15
N LYS A 108 -5.87 -5.36 -4.95
CA LYS A 108 -6.67 -4.94 -3.80
C LYS A 108 -6.01 -3.75 -3.11
N THR A 109 -6.81 -3.08 -2.28
CA THR A 109 -6.34 -2.06 -1.33
C THR A 109 -7.04 -2.33 0.00
N MET A 110 -6.84 -1.46 0.99
CA MET A 110 -7.45 -1.62 2.31
C MET A 110 -8.55 -0.58 2.54
N LEU A 111 -9.72 -1.05 2.96
CA LEU A 111 -10.80 -0.18 3.38
C LEU A 111 -10.86 -0.16 4.90
N HIS A 112 -11.06 1.03 5.46
CA HIS A 112 -11.05 1.21 6.91
C HIS A 112 -12.36 1.85 7.32
N ARG A 113 -13.05 1.20 8.25
CA ARG A 113 -14.37 1.61 8.71
C ARG A 113 -14.29 1.89 10.20
N PHE A 114 -14.76 3.07 10.61
CA PHE A 114 -14.77 3.41 12.01
C PHE A 114 -15.59 2.38 12.77
N ILE A 115 -15.15 2.05 13.98
CA ILE A 115 -15.83 1.09 14.83
C ILE A 115 -16.49 1.85 15.96
N ASN A 116 -17.76 1.53 16.22
CA ASN A 116 -18.52 2.20 17.27
C ASN A 116 -17.81 2.04 18.61
N PRO A 117 -17.63 3.11 19.37
CA PRO A 117 -17.02 2.95 20.71
C PRO A 117 -17.75 1.96 21.61
N ASN A 118 -19.08 1.86 21.49
CA ASN A 118 -19.81 0.84 22.26
C ASN A 118 -19.34 -0.56 21.91
N GLN A 119 -18.97 -0.78 20.64
CA GLN A 119 -18.39 -2.04 20.23
C GLN A 119 -16.94 -2.20 20.72
N LEU A 120 -16.16 -1.12 20.67
CA LEU A 120 -14.77 -1.17 21.09
C LEU A 120 -14.63 -1.75 22.49
N ILE A 121 -15.47 -1.26 23.42
CA ILE A 121 -15.31 -1.62 24.81
C ILE A 121 -15.76 -3.04 25.10
N SER A 122 -16.39 -3.71 24.14
CA SER A 122 -16.83 -5.10 24.33
C SER A 122 -15.73 -6.10 23.99
N ARG B 7 -2.54 -13.03 -11.27
CA ARG B 7 -2.92 -14.08 -12.22
C ARG B 7 -2.91 -13.57 -13.65
N LEU B 8 -3.90 -12.73 -14.01
CA LEU B 8 -4.01 -12.19 -15.35
C LEU B 8 -3.54 -10.74 -15.38
N ILE B 9 -2.76 -10.40 -16.39
CA ILE B 9 -2.14 -9.08 -16.49
C ILE B 9 -2.70 -8.39 -17.74
N LYS B 10 -3.48 -7.34 -17.53
CA LYS B 10 -4.14 -6.64 -18.62
C LYS B 10 -3.12 -5.86 -19.46
N LEU B 11 -3.52 -5.56 -20.70
CA LEU B 11 -2.67 -4.79 -21.61
C LEU B 11 -2.54 -3.35 -21.10
N PRO B 12 -1.51 -2.63 -21.55
CA PRO B 12 -0.43 -2.95 -22.50
C PRO B 12 0.78 -3.62 -21.87
N ARG B 13 0.62 -4.28 -20.72
CA ARG B 13 1.72 -5.00 -20.12
C ARG B 13 1.95 -6.30 -20.89
N THR B 14 3.22 -6.60 -21.17
CA THR B 14 3.60 -7.83 -21.83
C THR B 14 4.82 -8.40 -21.13
N HIS B 15 5.12 -9.67 -21.41
CA HIS B 15 6.29 -10.31 -20.85
C HIS B 15 7.57 -9.58 -21.19
N LYS B 16 7.56 -8.73 -22.22
CA LYS B 16 8.74 -7.96 -22.56
C LYS B 16 9.12 -6.98 -21.46
N ASP B 17 8.12 -6.53 -20.68
CA ASP B 17 8.37 -5.56 -19.62
C ASP B 17 9.25 -6.11 -18.51
N GLY B 18 9.27 -7.43 -18.33
CA GLY B 18 10.10 -8.05 -17.33
C GLY B 18 9.31 -8.45 -16.10
N HIS B 19 10.04 -8.78 -15.05
CA HIS B 19 9.40 -9.21 -13.81
C HIS B 19 8.55 -8.08 -13.24
N LEU B 20 7.49 -8.46 -12.55
CA LEU B 20 6.52 -7.52 -12.01
C LEU B 20 6.56 -7.51 -10.48
N PHE B 21 6.19 -6.36 -9.91
CA PHE B 21 6.20 -6.18 -8.47
C PHE B 21 4.84 -5.65 -8.03
N GLU B 22 4.18 -6.38 -7.13
CA GLU B 22 2.92 -5.96 -6.56
C GLU B 22 3.19 -4.93 -5.47
N VAL B 23 2.80 -3.70 -5.70
CA VAL B 23 3.10 -2.62 -4.77
C VAL B 23 1.88 -2.40 -3.87
N SER B 24 2.14 -1.99 -2.62
CA SER B 24 1.05 -1.69 -1.71
C SER B 24 1.51 -0.63 -0.74
N GLU B 25 0.54 0.05 -0.15
CA GLU B 25 0.85 1.13 0.78
C GLU B 25 1.51 0.58 2.04
N ALA B 26 1.13 -0.63 2.42
CA ALA B 26 1.65 -1.24 3.63
C ALA B 26 3.11 -1.67 3.47
N ALA B 27 3.55 -1.98 2.25
CA ALA B 27 4.88 -2.53 2.11
C ALA B 27 5.98 -1.48 2.29
N ILE B 28 5.64 -0.19 2.33
CA ILE B 28 6.66 0.84 2.58
C ILE B 28 7.27 0.64 3.95
N ASP B 29 6.41 0.60 4.98
CA ASP B 29 6.89 0.39 6.34
C ASP B 29 7.51 -0.98 6.51
N TRP B 30 7.04 -1.98 5.74
CA TRP B 30 7.65 -3.30 5.78
C TRP B 30 9.12 -3.24 5.42
N ILE B 31 9.47 -2.39 4.45
CA ILE B 31 10.86 -2.26 4.02
C ILE B 31 11.71 -1.72 5.16
N GLU B 32 11.18 -0.77 5.92
CA GLU B 32 11.91 -0.29 7.09
C GLU B 32 12.06 -1.38 8.13
N GLN B 33 11.08 -2.27 8.24
CA GLN B 33 11.18 -3.39 9.15
C GLN B 33 12.16 -4.44 8.65
N TYR B 34 12.22 -4.65 7.33
CA TYR B 34 13.16 -5.62 6.75
C TYR B 34 14.59 -5.33 7.15
N GLN B 35 14.94 -4.06 7.35
CA GLN B 35 16.33 -3.69 7.62
C GLN B 35 16.88 -4.30 8.90
N HIS B 36 16.01 -4.71 9.83
CA HIS B 36 16.49 -5.38 11.03
C HIS B 36 16.93 -6.82 10.78
N PHE B 37 16.67 -7.37 9.60
CA PHE B 37 16.85 -8.78 9.34
C PHE B 37 18.21 -9.05 8.70
N LYS B 38 18.88 -10.10 9.18
CA LYS B 38 20.15 -10.52 8.61
C LYS B 38 20.01 -10.81 7.11
N GLY B 39 20.97 -10.29 6.33
CA GLY B 39 21.02 -10.50 4.91
C GLY B 39 20.29 -9.46 4.07
N VAL B 40 19.67 -8.46 4.71
CA VAL B 40 18.98 -7.39 4.01
C VAL B 40 19.98 -6.23 3.91
N THR B 41 20.64 -6.12 2.76
CA THR B 41 21.74 -5.20 2.56
C THR B 41 21.25 -3.83 2.09
N LYS B 42 22.17 -2.87 2.11
CA LYS B 42 21.85 -1.55 1.55
C LYS B 42 21.42 -1.63 0.10
N SER B 43 22.00 -2.55 -0.68
CA SER B 43 21.66 -2.62 -2.10
C SER B 43 20.31 -3.31 -2.32
N ILE B 44 19.92 -4.28 -1.47
CA ILE B 44 18.57 -4.79 -1.57
C ILE B 44 17.56 -3.70 -1.24
N VAL B 45 17.80 -2.96 -0.15
CA VAL B 45 16.87 -1.95 0.31
C VAL B 45 16.66 -0.90 -0.75
N GLU B 46 17.72 -0.54 -1.47
CA GLU B 46 17.59 0.46 -2.51
C GLU B 46 16.63 0.00 -3.60
N LEU B 47 16.75 -1.26 -4.04
CA LEU B 47 15.82 -1.80 -5.01
C LEU B 47 14.39 -1.74 -4.48
N LEU B 48 14.18 -2.21 -3.26
CA LEU B 48 12.86 -2.20 -2.64
C LEU B 48 12.30 -0.79 -2.52
N ASN B 49 13.13 0.16 -2.10
CA ASN B 49 12.69 1.56 -2.05
C ASN B 49 12.29 2.09 -3.42
N LEU B 50 13.06 1.76 -4.46
CA LEU B 50 12.78 2.26 -5.79
C LEU B 50 11.49 1.66 -6.34
N ILE B 51 11.25 0.40 -6.01
CA ILE B 51 9.97 -0.21 -6.36
C ILE B 51 8.84 0.54 -5.68
N SER B 52 8.97 0.76 -4.36
CA SER B 52 7.91 1.43 -3.62
C SER B 52 7.67 2.84 -4.13
N LEU B 53 8.75 3.56 -4.46
CA LEU B 53 8.60 4.91 -4.99
C LEU B 53 7.84 4.89 -6.32
N ARG B 54 8.26 4.00 -7.23
CA ARG B 54 7.56 3.88 -8.51
C ARG B 54 6.14 3.36 -8.33
N GLY B 55 5.91 2.49 -7.35
CA GLY B 55 4.57 1.99 -7.11
C GLY B 55 3.62 3.04 -6.58
N LEU B 56 4.15 4.13 -6.01
CA LEU B 56 3.30 5.22 -5.52
C LEU B 56 2.50 5.87 -6.65
N ARG B 57 2.90 5.70 -7.90
CA ARG B 57 2.19 6.33 -9.00
C ARG B 57 1.54 5.31 -9.93
N SER B 58 1.51 4.04 -9.56
CA SER B 58 0.94 3.00 -10.41
C SER B 58 -0.57 2.95 -10.24
N ARG B 59 -1.30 3.26 -11.31
CA ARG B 59 -2.77 3.21 -11.24
C ARG B 59 -3.26 1.77 -11.08
N ASP B 60 -2.52 0.79 -11.59
CA ASP B 60 -2.90 -0.61 -11.51
C ASP B 60 -2.24 -1.35 -10.36
N GLY B 61 -1.35 -0.69 -9.61
CA GLY B 61 -0.69 -1.34 -8.51
C GLY B 61 0.38 -2.34 -8.91
N LEU B 62 0.97 -2.20 -10.09
CA LEU B 62 2.09 -3.02 -10.51
C LEU B 62 3.25 -2.13 -10.93
N VAL B 63 4.46 -2.68 -10.81
CA VAL B 63 5.69 -2.06 -11.30
C VAL B 63 6.51 -3.14 -11.99
N SER B 64 7.02 -2.85 -13.18
CA SER B 64 7.88 -3.78 -13.90
C SER B 64 9.35 -3.37 -13.77
N THR B 65 10.24 -4.31 -14.08
CA THR B 65 11.67 -4.01 -14.07
C THR B 65 12.00 -2.92 -15.09
N THR B 66 11.28 -2.88 -16.21
CA THR B 66 11.48 -1.84 -17.21
C THR B 66 11.27 -0.46 -16.60
N GLU B 67 10.25 -0.31 -15.76
CA GLU B 67 10.01 0.98 -15.14
C GLU B 67 11.10 1.34 -14.15
N LEU B 68 11.75 0.34 -13.55
CA LEU B 68 12.85 0.62 -12.62
C LEU B 68 14.11 1.06 -13.36
N ILE B 69 14.25 0.64 -14.61
CA ILE B 69 15.36 1.13 -15.42
C ILE B 69 15.08 2.56 -15.88
N ASP B 70 13.86 2.84 -16.32
CA ASP B 70 13.50 4.18 -16.75
C ASP B 70 13.47 5.18 -15.60
N ALA B 71 13.44 4.70 -14.35
CA ALA B 71 13.39 5.58 -13.19
C ALA B 71 14.77 5.91 -12.62
N THR B 72 15.82 5.27 -13.12
CA THR B 72 17.19 5.58 -12.73
C THR B 72 18.01 6.20 -13.84
N ASP B 73 17.54 6.14 -15.09
CA ASP B 73 18.27 6.68 -16.24
C ASP B 73 19.66 6.05 -16.35
N GLY B 74 19.68 4.71 -16.40
CA GLY B 74 20.91 3.98 -16.54
C GLY B 74 21.70 3.77 -15.26
N GLN B 75 21.37 4.49 -14.18
CA GLN B 75 22.09 4.30 -12.92
C GLN B 75 21.93 2.87 -12.43
N LEU B 76 20.74 2.30 -12.57
CA LEU B 76 20.45 0.92 -12.19
C LEU B 76 20.28 0.09 -13.45
N THR B 77 21.15 -0.89 -13.63
CA THR B 77 21.23 -1.68 -14.86
C THR B 77 20.33 -2.90 -14.79
N ARG B 78 20.08 -3.50 -15.96
CA ARG B 78 19.27 -4.71 -16.03
C ARG B 78 19.90 -5.84 -15.21
N ALA B 79 21.21 -6.01 -15.34
CA ALA B 79 21.89 -7.07 -14.58
C ALA B 79 21.89 -6.77 -13.09
N ALA B 80 21.92 -5.49 -12.71
CA ALA B 80 21.92 -5.13 -11.30
C ALA B 80 20.57 -5.40 -10.66
N ILE B 81 19.47 -5.13 -11.37
CA ILE B 81 18.15 -5.44 -10.85
C ILE B 81 18.00 -6.93 -10.62
N GLN B 82 18.50 -7.74 -11.56
CA GLN B 82 18.34 -9.19 -11.44
C GLN B 82 19.21 -9.74 -10.32
N GLN B 83 20.38 -9.16 -10.08
CA GLN B 83 21.19 -9.59 -8.94
C GLN B 83 20.52 -9.21 -7.63
N ARG B 84 20.03 -7.97 -7.53
CA ARG B 84 19.41 -7.51 -6.29
C ARG B 84 18.12 -8.25 -6.01
N LEU B 85 17.27 -8.44 -7.03
CA LEU B 85 16.03 -9.19 -6.84
C LEU B 85 16.34 -10.62 -6.42
N ARG B 86 17.29 -11.27 -7.08
CA ARG B 86 17.68 -12.63 -6.71
C ARG B 86 18.13 -12.68 -5.26
N ALA B 87 18.91 -11.69 -4.83
CA ALA B 87 19.31 -11.61 -3.43
C ALA B 87 18.11 -11.35 -2.51
N ALA B 88 17.18 -10.51 -2.96
CA ALA B 88 15.98 -10.25 -2.16
C ALA B 88 15.08 -11.48 -2.11
N VAL B 89 15.05 -12.27 -3.19
CA VAL B 89 14.21 -13.47 -3.18
C VAL B 89 14.83 -14.54 -2.29
N ALA B 90 16.16 -14.60 -2.22
CA ALA B 90 16.80 -15.66 -1.45
C ALA B 90 16.57 -15.48 0.05
N VAL B 91 16.63 -14.24 0.54
CA VAL B 91 16.36 -13.99 1.96
C VAL B 91 14.89 -14.07 2.33
N GLY B 92 14.00 -14.17 1.34
CA GLY B 92 12.60 -14.42 1.60
C GLY B 92 11.68 -13.21 1.60
N LEU B 93 12.08 -12.10 0.98
CA LEU B 93 11.26 -10.89 1.04
C LEU B 93 10.13 -10.90 0.02
N PHE B 94 10.25 -11.70 -1.04
CA PHE B 94 9.25 -11.74 -2.10
C PHE B 94 8.69 -13.16 -2.23
N LYS B 95 7.37 -13.26 -2.32
CA LYS B 95 6.72 -14.46 -2.82
C LYS B 95 6.61 -14.35 -4.34
N GLN B 96 7.02 -15.39 -5.05
CA GLN B 96 6.98 -15.44 -6.50
C GLN B 96 5.70 -16.12 -6.96
N ILE B 97 4.99 -15.47 -7.88
CA ILE B 97 3.65 -15.89 -8.30
C ILE B 97 3.60 -16.00 -9.82
N PRO B 98 3.19 -17.14 -10.37
CA PRO B 98 3.05 -17.26 -11.83
C PRO B 98 1.93 -16.37 -12.34
N VAL B 99 2.18 -15.73 -13.49
CA VAL B 99 1.24 -14.81 -14.10
C VAL B 99 0.82 -15.33 -15.47
N ARG B 100 -0.22 -14.70 -16.01
CA ARG B 100 -0.72 -14.98 -17.34
C ARG B 100 -1.05 -13.64 -17.99
N PHE B 101 -0.61 -13.44 -19.23
CA PHE B 101 -0.82 -12.19 -19.93
C PHE B 101 -2.03 -12.28 -20.85
N GLU B 102 -2.78 -11.17 -20.92
CA GLU B 102 -3.94 -11.11 -21.81
C GLU B 102 -3.52 -11.23 -23.27
N GLU B 103 -2.40 -10.60 -23.64
CA GLU B 103 -1.83 -10.73 -24.97
C GLU B 103 -0.40 -11.22 -24.87
N GLY B 104 -0.06 -12.24 -25.67
CA GLY B 104 1.29 -12.74 -25.71
C GLY B 104 1.55 -13.77 -24.64
N LEU B 105 2.76 -14.32 -24.69
CA LEU B 105 3.14 -15.38 -23.75
C LEU B 105 3.59 -14.78 -22.43
N ALA B 106 3.69 -15.65 -21.42
CA ALA B 106 4.19 -15.26 -20.11
C ALA B 106 5.68 -15.56 -19.93
N GLY B 107 6.13 -16.73 -20.38
CA GLY B 107 7.53 -17.08 -20.24
C GLY B 107 7.93 -17.20 -18.79
N LYS B 108 9.11 -16.67 -18.47
CA LYS B 108 9.67 -16.71 -17.13
C LYS B 108 9.21 -15.54 -16.26
N THR B 109 8.30 -14.71 -16.76
CA THR B 109 7.85 -13.55 -16.00
C THR B 109 7.08 -13.99 -14.76
N MET B 110 7.37 -13.32 -13.64
CA MET B 110 6.77 -13.67 -12.36
C MET B 110 6.38 -12.40 -11.61
N LEU B 111 5.25 -12.45 -10.91
CA LEU B 111 4.83 -11.36 -10.04
C LEU B 111 5.40 -11.56 -8.64
N HIS B 112 6.02 -10.53 -8.09
CA HIS B 112 6.63 -10.57 -6.76
C HIS B 112 5.76 -9.87 -5.72
N ARG B 113 5.38 -10.61 -4.68
CA ARG B 113 4.55 -10.09 -3.60
C ARG B 113 5.42 -9.89 -2.37
N PHE B 114 5.31 -8.71 -1.75
CA PHE B 114 6.02 -8.44 -0.51
C PHE B 114 5.50 -9.31 0.63
N ILE B 115 6.42 -9.88 1.41
CA ILE B 115 6.10 -10.75 2.55
C ILE B 115 5.97 -9.89 3.80
N ASN B 116 4.90 -10.12 4.56
CA ASN B 116 4.72 -9.44 5.83
C ASN B 116 5.89 -9.79 6.76
N PRO B 117 6.53 -8.79 7.38
CA PRO B 117 7.65 -9.11 8.27
C PRO B 117 7.29 -10.05 9.42
N ASN B 118 6.05 -9.99 9.94
CA ASN B 118 5.69 -10.93 11.00
C ASN B 118 5.75 -12.37 10.52
N GLN B 119 5.52 -12.59 9.22
CA GLN B 119 5.63 -13.92 8.67
C GLN B 119 7.09 -14.31 8.45
N LEU B 120 7.96 -13.32 8.22
CA LEU B 120 9.39 -13.61 8.10
C LEU B 120 9.98 -14.15 9.39
N ILE B 121 9.47 -13.70 10.55
CA ILE B 121 10.08 -14.10 11.81
C ILE B 121 9.42 -15.36 12.38
N SER B 122 8.87 -16.21 11.52
CA SER B 122 8.25 -17.45 11.99
C SER B 122 8.82 -18.69 11.29
#